data_1O5C
#
_entry.id   1O5C
#
_cell.length_a   81.71
_cell.length_b   50.28
_cell.length_c   66.20
_cell.angle_alpha   90.0
_cell.angle_beta   113.04
_cell.angle_gamma   90.0
#
_symmetry.space_group_name_H-M   'C 1 2 1'
#
loop_
_entity.id
_entity.type
_entity.pdbx_description
1 polymer 'Urokinase-type plasminogen activator'
2 polymer 'Urokinase-type plasminogen activator'
3 non-polymer 2-{5-[AMINO(IMINIO)METHYL]-6-FLUORO-1H-BENZIMIDAZOL-2-YL}-6-[(2-METHYLCYCLOHEXYL)OXY]BENZENOLATE
4 non-polymer 'CITRIC ACID'
5 water water
#
loop_
_entity_poly.entity_id
_entity_poly.type
_entity_poly.pdbx_seq_one_letter_code
_entity_poly.pdbx_strand_id
1 'polypeptide(L)' KPSSPPEELKFQCGQKTLRPRFK A
2 'polypeptide(L)'
;IIGGEFTTIENQPWFAAIYRRHRGGSVTYVCGGSLMSPCWVISATHCFIDYPKKEDYIVYLGRSRLNSNTQGEMKFEVEN
LILHKDYSADTLAHHNDIALLKIRSKEGRCAQPSRTIQTICLPSMYNDPQFGTSCEITGFGKEASTDYLYPEQLKMTVVK
LISHRECQQPHYYGSEVTTKMLCAADPQWKTDACQGDSGGPLVCSLQGRMTLTGIVSWGRGCALKDKPGVYTRVSHFLPW
IRSHTKEENGLAL
;
B
#
# COMPACT_ATOMS: atom_id res chain seq x y z
N LEU A 9 -4.23 21.14 -10.87
CA LEU A 9 -4.14 22.54 -10.33
C LEU A 9 -3.10 22.41 -9.24
N LYS A 10 -3.51 21.93 -8.10
CA LYS A 10 -2.62 21.73 -6.93
C LYS A 10 -3.22 20.42 -6.34
N PHE A 11 -2.57 19.85 -5.37
CA PHE A 11 -3.06 18.59 -4.77
C PHE A 11 -4.19 18.89 -3.76
N GLN A 12 -5.14 17.99 -3.73
CA GLN A 12 -6.34 18.02 -2.84
C GLN A 12 -6.43 16.53 -2.46
N CYS A 13 -5.77 16.17 -1.39
CA CYS A 13 -5.77 14.74 -0.94
C CYS A 13 -7.11 14.07 -0.93
N GLY A 14 -7.12 12.84 -1.37
CA GLY A 14 -8.38 12.05 -1.39
C GLY A 14 -9.32 12.33 -2.57
N GLN A 15 -9.05 13.31 -3.38
CA GLN A 15 -9.95 13.61 -4.54
C GLN A 15 -9.60 12.93 -5.86
N LYS A 16 -10.55 12.28 -6.47
CA LYS A 16 -10.34 11.58 -7.78
C LYS A 16 -11.06 12.62 -8.69
N THR A 17 -10.69 12.76 -9.93
CA THR A 17 -11.36 13.75 -10.83
C THR A 17 -11.70 12.98 -12.12
N ILE B 1 -4.57 -9.09 -6.03
CA ILE B 1 -5.91 -8.98 -5.44
C ILE B 1 -6.65 -10.22 -5.96
N ILE B 2 -7.34 -10.85 -5.05
CA ILE B 2 -8.11 -12.04 -5.38
C ILE B 2 -9.49 -11.43 -5.60
N GLY B 3 -10.09 -11.71 -6.73
CA GLY B 3 -11.43 -11.14 -6.99
C GLY B 3 -11.24 -9.66 -7.29
N GLY B 4 -12.21 -8.85 -6.94
CA GLY B 4 -12.04 -7.41 -7.23
C GLY B 4 -12.45 -7.14 -8.69
N GLU B 5 -12.12 -5.97 -9.15
CA GLU B 5 -12.43 -5.55 -10.54
C GLU B 5 -11.12 -5.00 -11.11
N PHE B 6 -11.05 -4.91 -12.39
CA PHE B 6 -9.83 -4.36 -13.04
C PHE B 6 -10.20 -2.88 -12.96
N THR B 7 -9.25 -1.99 -12.86
CA THR B 7 -9.59 -0.54 -12.77
C THR B 7 -8.47 0.23 -13.48
N THR B 8 -8.48 1.52 -13.33
CA THR B 8 -7.44 2.40 -13.96
C THR B 8 -7.02 3.29 -12.83
N ILE B 9 -5.88 3.85 -13.04
CA ILE B 9 -5.29 4.75 -12.03
C ILE B 9 -6.16 5.96 -11.71
N GLU B 10 -7.01 6.39 -12.63
CA GLU B 10 -7.87 7.59 -12.28
C GLU B 10 -8.71 7.26 -11.06
N ASN B 11 -8.99 6.00 -10.91
CA ASN B 11 -9.81 5.54 -9.75
C ASN B 11 -8.98 5.42 -8.46
N GLN B 12 -7.67 5.44 -8.59
CA GLN B 12 -6.74 5.35 -7.43
C GLN B 12 -5.49 6.21 -7.67
N PRO B 13 -5.67 7.49 -7.86
CA PRO B 13 -4.55 8.33 -8.38
C PRO B 13 -3.38 8.52 -7.39
N TRP B 14 -3.52 8.02 -6.19
CA TRP B 14 -2.42 8.14 -5.18
C TRP B 14 -1.60 6.84 -5.19
N PHE B 15 -1.99 5.89 -5.98
CA PHE B 15 -1.23 4.58 -6.00
C PHE B 15 0.12 4.75 -6.74
N ALA B 16 1.17 4.24 -6.13
CA ALA B 16 2.53 4.31 -6.71
C ALA B 16 3.01 2.88 -6.87
N ALA B 17 3.66 2.66 -7.98
CA ALA B 17 4.22 1.30 -8.36
C ALA B 17 5.74 1.37 -8.19
N ILE B 18 6.27 0.47 -7.41
CA ILE B 18 7.72 0.45 -7.15
C ILE B 18 8.32 -0.79 -7.80
N TYR B 19 9.37 -0.55 -8.55
CA TYR B 19 10.11 -1.61 -9.30
C TYR B 19 11.59 -1.58 -8.91
N ARG B 20 12.24 -2.67 -9.25
CA ARG B 20 13.69 -2.82 -8.97
C ARG B 20 14.41 -3.16 -10.30
N ARG B 21 15.55 -2.53 -10.47
CA ARG B 21 16.38 -2.73 -11.71
C ARG B 21 17.35 -3.88 -11.46
N HIS B 22 17.53 -4.69 -12.46
CA HIS B 22 18.44 -5.86 -12.37
C HIS B 22 19.55 -5.64 -13.36
N ARG B 23 20.64 -6.29 -13.10
CA ARG B 23 21.82 -6.18 -13.99
C ARG B 23 21.38 -7.27 -14.93
N GLY B 24 21.39 -6.94 -16.18
CA GLY B 24 20.96 -7.90 -17.24
C GLY B 24 19.91 -7.18 -18.08
N GLY B 25 19.24 -6.21 -17.49
CA GLY B 25 18.21 -5.46 -18.29
C GLY B 25 16.78 -5.48 -17.76
N SER B 26 16.40 -6.45 -16.96
CA SER B 26 15.00 -6.43 -16.48
C SER B 26 14.79 -5.57 -15.24
N VAL B 27 13.56 -5.15 -15.17
CA VAL B 27 13.05 -4.29 -14.08
C VAL B 27 11.89 -5.15 -13.58
N THR B 28 11.80 -5.40 -12.30
CA THR B 28 10.67 -6.25 -11.82
C THR B 28 9.88 -5.47 -10.79
N TYR B 29 8.66 -5.87 -10.64
CA TYR B 29 7.79 -5.16 -9.66
C TYR B 29 8.16 -5.63 -8.24
N VAL B 30 8.13 -4.71 -7.33
CA VAL B 30 8.47 -4.98 -5.90
C VAL B 30 7.16 -4.89 -5.04
N CYS B 31 6.68 -3.67 -4.84
CA CYS B 31 5.46 -3.39 -4.05
C CYS B 31 4.70 -2.16 -4.52
N GLY B 32 3.59 -1.98 -3.87
CA GLY B 32 2.73 -0.85 -4.18
C GLY B 32 3.13 0.19 -3.11
N GLY B 33 2.58 1.37 -3.21
CA GLY B 33 2.82 2.47 -2.28
C GLY B 33 1.70 3.48 -2.50
N SER B 34 1.75 4.52 -1.72
CA SER B 34 0.74 5.63 -1.78
C SER B 34 1.45 7.00 -1.70
N LEU B 35 1.02 7.96 -2.48
CA LEU B 35 1.63 9.32 -2.48
C LEU B 35 0.95 10.14 -1.33
N MET B 36 1.75 10.54 -0.37
CA MET B 36 1.26 11.32 0.83
C MET B 36 1.42 12.82 0.67
N SER B 37 2.41 13.24 -0.08
CA SER B 37 2.68 14.69 -0.35
C SER B 37 3.49 14.63 -1.66
N PRO B 38 3.71 15.76 -2.30
CA PRO B 38 4.43 15.79 -3.58
C PRO B 38 5.73 14.94 -3.69
N CYS B 39 6.53 15.00 -2.68
CA CYS B 39 7.81 14.24 -2.67
C CYS B 39 7.86 12.98 -1.84
N TRP B 40 6.79 12.61 -1.22
CA TRP B 40 6.84 11.37 -0.37
C TRP B 40 5.81 10.27 -0.67
N VAL B 41 6.29 9.07 -0.78
CA VAL B 41 5.46 7.87 -1.05
C VAL B 41 5.62 6.95 0.23
N ILE B 42 4.54 6.39 0.73
CA ILE B 42 4.66 5.52 1.92
C ILE B 42 4.34 4.09 1.42
N SER B 43 5.08 3.16 1.97
CA SER B 43 4.94 1.74 1.63
C SER B 43 5.30 0.93 2.93
N ALA B 44 5.75 -0.29 2.70
CA ALA B 44 6.13 -1.22 3.79
C ALA B 44 7.65 -1.55 3.85
N THR B 45 8.23 -1.45 5.03
CA THR B 45 9.68 -1.76 5.17
C THR B 45 10.02 -3.19 4.63
N HIS B 46 9.16 -4.17 4.84
CA HIS B 46 9.52 -5.52 4.34
C HIS B 46 9.72 -5.58 2.83
N CYS B 47 9.26 -4.57 2.16
CA CYS B 47 9.44 -4.56 0.67
C CYS B 47 10.90 -4.23 0.32
N PHE B 48 11.56 -3.56 1.22
CA PHE B 48 12.99 -3.16 0.98
C PHE B 48 14.04 -3.77 1.86
N ILE B 49 13.65 -4.20 3.01
CA ILE B 49 14.58 -4.84 3.98
C ILE B 49 15.72 -5.67 3.43
N ASP B 50 15.35 -6.57 2.57
CA ASP B 50 16.36 -7.47 1.97
C ASP B 50 17.26 -6.85 0.93
N TYR B 51 16.91 -5.71 0.40
CA TYR B 51 17.80 -5.09 -0.63
C TYR B 51 17.71 -3.56 -0.50
N PRO B 52 18.23 -3.00 0.56
CA PRO B 52 18.02 -1.57 0.86
C PRO B 52 18.97 -0.64 0.09
N LYS B 53 19.15 -0.92 -1.18
CA LYS B 53 20.04 -0.10 -2.07
C LYS B 53 19.06 0.79 -2.86
N LYS B 54 18.83 1.97 -2.36
CA LYS B 54 17.89 2.93 -3.01
C LYS B 54 18.11 3.21 -4.49
N GLU B 55 19.36 3.22 -4.88
CA GLU B 55 19.66 3.49 -6.31
C GLU B 55 19.06 2.51 -7.29
N ASP B 56 18.73 1.35 -6.83
CA ASP B 56 18.15 0.35 -7.79
C ASP B 56 16.65 0.34 -7.88
N TYR B 57 15.99 1.24 -7.23
CA TYR B 57 14.49 1.24 -7.30
C TYR B 57 14.01 2.38 -8.16
N ILE B 58 12.86 2.12 -8.75
CA ILE B 58 12.19 3.11 -9.64
C ILE B 58 10.73 3.18 -9.13
N VAL B 59 10.23 4.37 -9.05
CA VAL B 59 8.83 4.61 -8.60
C VAL B 59 8.10 5.28 -9.80
N TYR B 60 6.92 4.81 -10.06
CA TYR B 60 6.09 5.36 -11.14
C TYR B 60 4.73 5.75 -10.51
N LEU B 61 4.22 6.87 -10.95
CA LEU B 61 2.90 7.40 -10.48
C LEU B 61 2.13 7.48 -11.82
N GLY B 62 0.84 7.40 -11.80
CA GLY B 62 0.00 7.46 -13.05
C GLY B 62 0.03 6.21 -13.91
N ARG B 63 0.30 5.10 -13.31
CA ARG B 63 0.38 3.81 -14.03
C ARG B 63 -0.84 2.90 -13.84
N SER B 64 -1.48 2.52 -14.92
CA SER B 64 -2.67 1.63 -14.85
C SER B 64 -2.22 0.20 -15.21
N ARG B 65 -1.10 0.06 -15.89
CA ARG B 65 -0.60 -1.30 -16.28
C ARG B 65 0.79 -1.52 -15.68
N LEU B 66 1.07 -2.77 -15.47
CA LEU B 66 2.35 -3.19 -14.86
C LEU B 66 3.62 -3.07 -15.69
N ASN B 67 3.60 -3.56 -16.89
CA ASN B 67 4.82 -3.50 -17.77
C ASN B 67 4.66 -2.69 -19.05
N SER B 68 3.54 -2.08 -19.27
CA SER B 68 3.38 -1.28 -20.51
C SER B 68 3.19 0.10 -19.95
N ASN B 69 3.38 1.09 -20.77
CA ASN B 69 3.24 2.47 -20.27
C ASN B 69 1.83 2.98 -20.36
N THR B 70 1.57 3.93 -19.51
CA THR B 70 0.24 4.58 -19.42
C THR B 70 0.61 6.04 -19.75
N GLN B 71 -0.22 6.65 -20.53
CA GLN B 71 0.01 8.04 -20.92
C GLN B 71 -0.19 8.89 -19.64
N GLY B 72 0.72 9.78 -19.36
CA GLY B 72 0.59 10.65 -18.16
C GLY B 72 1.46 10.16 -17.00
N GLU B 73 1.98 8.95 -17.12
CA GLU B 73 2.81 8.44 -16.00
C GLU B 73 4.07 9.28 -15.75
N MET B 74 4.55 9.23 -14.52
CA MET B 74 5.75 9.98 -14.12
C MET B 74 6.69 8.94 -13.50
N LYS B 75 7.95 9.05 -13.80
CA LYS B 75 9.01 8.12 -13.31
C LYS B 75 9.88 8.91 -12.31
N PHE B 76 10.24 8.29 -11.22
CA PHE B 76 11.09 8.93 -10.16
C PHE B 76 12.17 7.99 -9.65
N GLU B 77 13.17 8.62 -9.13
CA GLU B 77 14.31 7.88 -8.56
C GLU B 77 13.99 8.04 -7.02
N VAL B 78 14.56 7.20 -6.22
CA VAL B 78 14.33 7.27 -4.74
C VAL B 78 15.53 8.05 -4.16
N GLU B 79 15.25 9.25 -3.74
CA GLU B 79 16.27 10.16 -3.14
C GLU B 79 16.57 9.67 -1.72
N ASN B 80 15.54 9.27 -1.01
CA ASN B 80 15.77 8.78 0.38
C ASN B 80 14.86 7.60 0.59
N LEU B 81 15.36 6.65 1.33
CA LEU B 81 14.62 5.40 1.66
C LEU B 81 14.70 5.36 3.20
N ILE B 82 13.59 5.54 3.85
CA ILE B 82 13.54 5.54 5.34
C ILE B 82 12.76 4.27 5.81
N LEU B 83 13.47 3.41 6.48
CA LEU B 83 12.85 2.16 6.96
C LEU B 83 12.62 2.40 8.44
N HIS B 84 11.74 1.64 8.99
CA HIS B 84 11.41 1.79 10.43
C HIS B 84 12.42 0.98 11.24
N LYS B 85 13.01 1.67 12.14
CA LYS B 85 14.03 1.06 13.03
C LYS B 85 13.03 0.44 14.00
N ASP B 86 13.14 -0.83 14.21
CA ASP B 86 12.25 -1.61 15.12
C ASP B 86 11.35 -2.47 14.26
N TYR B 87 11.61 -2.49 12.97
CA TYR B 87 10.78 -3.33 12.07
C TYR B 87 11.20 -4.76 12.48
N SER B 88 10.30 -5.70 12.53
CA SER B 88 10.68 -7.10 12.91
C SER B 88 9.72 -8.03 12.23
N ALA B 89 10.19 -9.18 11.85
CA ALA B 89 9.31 -10.17 11.17
C ALA B 89 9.41 -11.39 12.06
N ASP B 90 8.35 -12.13 12.13
CA ASP B 90 8.31 -13.38 12.95
C ASP B 90 7.64 -14.38 12.04
N THR B 91 7.12 -15.41 12.62
CA THR B 91 6.44 -16.46 11.84
C THR B 91 5.05 -15.90 11.46
N LEU B 92 5.02 -15.05 10.48
CA LEU B 92 3.81 -14.37 9.91
C LEU B 92 3.81 -12.87 9.93
N ALA B 93 3.81 -12.34 11.10
CA ALA B 93 3.77 -10.88 11.18
C ALA B 93 5.05 -10.14 10.95
N HIS B 94 4.83 -8.91 10.60
CA HIS B 94 5.85 -7.89 10.30
C HIS B 94 5.38 -6.81 11.27
N HIS B 95 6.29 -6.34 12.07
CA HIS B 95 6.04 -5.30 13.09
C HIS B 95 6.61 -4.03 12.53
N ASN B 96 5.95 -2.94 12.83
CA ASN B 96 6.35 -1.57 12.37
C ASN B 96 6.72 -1.65 10.89
N ASP B 97 5.80 -2.16 10.14
CA ASP B 97 6.03 -2.33 8.68
C ASP B 97 5.51 -1.13 7.89
N ILE B 98 6.31 -0.12 7.93
CA ILE B 98 6.00 1.14 7.25
C ILE B 98 7.34 1.71 6.77
N ALA B 99 7.38 2.34 5.63
CA ALA B 99 8.65 2.93 5.10
C ALA B 99 8.22 4.16 4.29
N LEU B 100 9.16 5.06 4.13
CA LEU B 100 8.94 6.33 3.38
C LEU B 100 10.01 6.42 2.30
N LEU B 101 9.57 6.83 1.16
CA LEU B 101 10.47 7.00 0.00
C LEU B 101 10.36 8.45 -0.47
N LYS B 102 11.46 9.14 -0.52
CA LYS B 102 11.40 10.55 -0.98
C LYS B 102 11.76 10.33 -2.49
N ILE B 103 10.95 10.88 -3.35
CA ILE B 103 11.16 10.73 -4.83
C ILE B 103 11.68 12.01 -5.51
N ARG B 104 12.39 11.83 -6.60
CA ARG B 104 12.96 12.98 -7.37
C ARG B 104 12.93 12.57 -8.86
N SER B 105 12.46 13.39 -9.77
CA SER B 105 12.44 12.98 -11.22
C SER B 105 13.83 13.32 -11.77
N LYS B 106 14.12 12.91 -12.97
CA LYS B 106 15.46 13.22 -13.53
C LYS B 106 15.61 14.71 -13.74
N GLU B 107 14.54 15.45 -13.66
CA GLU B 107 14.62 16.93 -13.84
C GLU B 107 14.71 17.62 -12.45
N GLY B 108 14.74 16.81 -11.43
CA GLY B 108 14.84 17.34 -10.04
C GLY B 108 13.51 17.68 -9.42
N ARG B 109 12.42 17.22 -9.94
CA ARG B 109 11.13 17.61 -9.29
C ARG B 109 10.40 16.45 -8.66
N CYS B 110 9.40 16.78 -7.91
CA CYS B 110 8.59 15.75 -7.21
C CYS B 110 7.35 15.59 -8.09
N ALA B 111 6.36 14.91 -7.57
CA ALA B 111 5.11 14.68 -8.35
C ALA B 111 4.40 16.01 -8.67
N GLN B 112 3.64 15.98 -9.74
CA GLN B 112 2.87 17.18 -10.19
C GLN B 112 1.44 16.65 -10.28
N PRO B 113 0.44 17.43 -9.89
CA PRO B 113 -0.95 16.90 -9.81
C PRO B 113 -1.57 16.71 -11.21
N SER B 114 -2.36 15.69 -11.40
CA SER B 114 -3.01 15.47 -12.72
C SER B 114 -4.27 14.65 -12.44
N ARG B 115 -4.94 14.23 -13.47
CA ARG B 115 -6.17 13.42 -13.23
C ARG B 115 -5.76 12.01 -12.85
N THR B 116 -4.52 11.67 -13.05
CA THR B 116 -4.03 10.31 -12.70
C THR B 116 -3.04 10.32 -11.51
N ILE B 117 -2.66 11.49 -11.06
CA ILE B 117 -1.71 11.63 -9.92
C ILE B 117 -2.33 12.59 -8.86
N GLN B 118 -2.62 12.04 -7.69
CA GLN B 118 -3.23 12.79 -6.55
C GLN B 118 -2.66 12.24 -5.22
N THR B 119 -2.68 13.01 -4.17
CA THR B 119 -2.15 12.50 -2.88
C THR B 119 -3.34 11.87 -2.14
N ILE B 120 -3.07 11.13 -1.10
CA ILE B 120 -4.21 10.52 -0.33
C ILE B 120 -4.05 11.26 1.04
N CYS B 121 -5.10 11.32 1.81
CA CYS B 121 -5.01 12.03 3.12
C CYS B 121 -4.56 11.08 4.23
N LEU B 122 -3.94 11.65 5.23
CA LEU B 122 -3.43 10.89 6.41
C LEU B 122 -4.57 11.06 7.44
N PRO B 123 -4.78 10.09 8.29
CA PRO B 123 -5.74 10.24 9.42
C PRO B 123 -5.14 11.16 10.49
N SER B 124 -5.93 11.50 11.47
CA SER B 124 -5.44 12.36 12.57
C SER B 124 -4.97 11.32 13.58
N MET B 125 -4.16 11.78 14.49
CA MET B 125 -3.60 10.91 15.57
C MET B 125 -4.59 9.91 16.11
N TYR B 126 -4.17 8.67 16.10
CA TYR B 126 -4.97 7.48 16.58
C TYR B 126 -6.44 7.47 16.18
N ASN B 127 -6.78 8.10 15.09
CA ASN B 127 -8.19 8.13 14.65
C ASN B 127 -8.38 7.12 13.55
N ASP B 128 -9.30 6.21 13.74
CA ASP B 128 -9.61 5.13 12.75
C ASP B 128 -11.13 5.08 12.47
N PRO B 129 -11.52 4.56 11.33
CA PRO B 129 -12.96 4.22 11.09
C PRO B 129 -13.36 3.11 12.08
N GLN B 130 -14.63 2.89 12.24
CA GLN B 130 -15.06 1.81 13.20
C GLN B 130 -15.13 0.52 12.41
N PHE B 131 -15.02 -0.60 13.09
CA PHE B 131 -15.08 -1.88 12.34
C PHE B 131 -16.42 -1.90 11.63
N GLY B 132 -16.46 -2.65 10.56
CA GLY B 132 -17.70 -2.74 9.77
C GLY B 132 -17.53 -1.77 8.58
N THR B 133 -16.64 -0.81 8.66
CA THR B 133 -16.46 0.15 7.50
C THR B 133 -15.86 -0.57 6.27
N SER B 134 -16.37 -0.25 5.09
CA SER B 134 -15.88 -0.87 3.79
C SER B 134 -14.75 0.07 3.37
N CYS B 135 -13.66 -0.50 2.98
CA CYS B 135 -12.48 0.26 2.55
C CYS B 135 -12.03 -0.41 1.29
N GLU B 136 -11.24 0.25 0.51
CA GLU B 136 -10.77 -0.35 -0.74
C GLU B 136 -9.27 -0.56 -0.70
N ILE B 137 -8.85 -1.55 -1.40
CA ILE B 137 -7.41 -1.88 -1.50
C ILE B 137 -7.19 -1.97 -3.01
N THR B 138 -6.00 -1.66 -3.42
CA THR B 138 -5.66 -1.70 -4.85
C THR B 138 -4.24 -2.27 -5.04
N GLY B 139 -3.99 -2.87 -6.16
CA GLY B 139 -2.63 -3.42 -6.36
C GLY B 139 -2.51 -4.28 -7.61
N PHE B 140 -1.27 -4.64 -7.86
CA PHE B 140 -0.87 -5.49 -9.03
C PHE B 140 -0.50 -6.89 -8.50
N GLY B 141 -0.94 -7.21 -7.32
CA GLY B 141 -0.59 -8.55 -6.77
C GLY B 141 -1.33 -9.71 -7.43
N LYS B 142 -0.93 -10.90 -7.05
CA LYS B 142 -1.54 -12.13 -7.60
C LYS B 142 -3.06 -12.14 -7.50
N GLU B 143 -3.59 -12.84 -8.47
CA GLU B 143 -5.06 -13.02 -8.59
C GLU B 143 -5.48 -14.36 -8.02
N ALA B 144 -4.53 -15.20 -7.71
CA ALA B 144 -4.80 -16.55 -7.13
C ALA B 144 -3.52 -16.92 -6.41
N SER B 145 -3.60 -17.54 -5.28
CA SER B 145 -2.36 -17.90 -4.55
C SER B 145 -1.38 -18.74 -5.38
N THR B 146 -1.87 -19.57 -6.25
CA THR B 146 -0.99 -20.42 -7.09
C THR B 146 -0.38 -19.72 -8.30
N ASP B 147 -0.79 -18.52 -8.59
CA ASP B 147 -0.16 -17.86 -9.78
C ASP B 147 1.32 -17.56 -9.51
N TYR B 148 2.14 -17.46 -10.53
CA TYR B 148 3.58 -17.14 -10.33
C TYR B 148 3.88 -15.82 -11.08
N LEU B 149 2.87 -15.24 -11.69
CA LEU B 149 2.97 -13.95 -12.46
C LEU B 149 1.93 -12.97 -11.86
N TYR B 150 2.17 -11.71 -12.09
CA TYR B 150 1.26 -10.63 -11.61
C TYR B 150 0.37 -10.18 -12.82
N PRO B 151 -0.83 -9.71 -12.55
CA PRO B 151 -1.70 -9.15 -13.62
C PRO B 151 -1.02 -7.92 -14.25
N GLU B 152 -1.41 -7.66 -15.47
CA GLU B 152 -0.84 -6.50 -16.20
C GLU B 152 -1.74 -5.34 -15.89
N GLN B 153 -2.97 -5.60 -15.56
CA GLN B 153 -3.92 -4.48 -15.25
C GLN B 153 -4.16 -4.30 -13.74
N LEU B 154 -4.19 -3.06 -13.35
CA LEU B 154 -4.40 -2.70 -11.92
C LEU B 154 -5.78 -3.24 -11.49
N LYS B 155 -5.83 -3.66 -10.26
CA LYS B 155 -7.10 -4.21 -9.69
C LYS B 155 -7.40 -3.49 -8.37
N MET B 156 -8.64 -3.61 -7.99
CA MET B 156 -9.13 -2.99 -6.74
C MET B 156 -10.22 -3.87 -6.16
N THR B 157 -10.46 -3.77 -4.87
CA THR B 157 -11.56 -4.59 -4.33
C THR B 157 -11.97 -3.86 -3.07
N VAL B 158 -13.01 -4.34 -2.46
CA VAL B 158 -13.55 -3.75 -1.22
C VAL B 158 -13.53 -4.82 -0.13
N VAL B 159 -13.12 -4.41 1.04
CA VAL B 159 -13.03 -5.34 2.19
C VAL B 159 -13.55 -4.51 3.40
N LYS B 160 -13.93 -5.17 4.44
CA LYS B 160 -14.43 -4.44 5.63
C LYS B 160 -13.47 -4.63 6.79
N LEU B 161 -13.38 -3.58 7.55
CA LEU B 161 -12.50 -3.61 8.73
C LEU B 161 -13.16 -4.53 9.74
N ILE B 162 -12.39 -5.29 10.47
CA ILE B 162 -12.99 -6.20 11.50
C ILE B 162 -12.29 -5.75 12.82
N SER B 163 -12.85 -6.13 13.93
CA SER B 163 -12.24 -5.73 15.26
C SER B 163 -11.01 -6.53 15.64
N HIS B 164 -10.28 -6.00 16.59
CA HIS B 164 -9.06 -6.69 17.05
C HIS B 164 -9.57 -7.94 17.79
N ARG B 165 -10.62 -7.83 18.57
CA ARG B 165 -11.14 -9.02 19.29
C ARG B 165 -11.38 -10.16 18.30
N GLU B 166 -12.01 -9.87 17.19
CA GLU B 166 -12.28 -10.94 16.18
C GLU B 166 -10.98 -11.45 15.55
N CYS B 167 -10.12 -10.55 15.18
CA CYS B 167 -8.83 -10.97 14.55
C CYS B 167 -7.90 -11.72 15.49
N GLN B 168 -7.95 -11.37 16.74
CA GLN B 168 -7.07 -12.02 17.75
C GLN B 168 -7.67 -13.28 18.36
N GLN B 169 -8.66 -13.82 17.69
CA GLN B 169 -9.27 -15.06 18.24
C GLN B 169 -8.19 -16.10 17.90
N PRO B 170 -7.94 -17.04 18.78
CA PRO B 170 -6.92 -18.10 18.53
C PRO B 170 -6.98 -18.74 17.15
N HIS B 171 -8.16 -18.90 16.62
CA HIS B 171 -8.22 -19.54 15.28
C HIS B 171 -8.10 -18.59 14.11
N TYR B 172 -7.79 -17.37 14.41
CA TYR B 172 -7.61 -16.34 13.33
C TYR B 172 -6.09 -16.18 13.48
N TYR B 173 -5.63 -15.15 14.13
CA TYR B 173 -4.16 -14.96 14.30
C TYR B 173 -3.72 -14.90 15.76
N GLY B 174 -4.64 -15.03 16.68
CA GLY B 174 -4.21 -14.95 18.10
C GLY B 174 -3.47 -13.66 18.39
N SER B 175 -2.50 -13.74 19.24
CA SER B 175 -1.71 -12.55 19.63
C SER B 175 -0.69 -12.07 18.58
N GLU B 176 -0.72 -12.65 17.41
CA GLU B 176 0.25 -12.20 16.35
C GLU B 176 -0.12 -10.76 15.92
N VAL B 177 -1.39 -10.46 16.06
CA VAL B 177 -1.91 -9.12 15.68
C VAL B 177 -1.82 -8.20 16.89
N THR B 178 -1.28 -7.03 16.69
CA THR B 178 -1.14 -6.05 17.78
C THR B 178 -2.05 -4.85 17.51
N THR B 179 -2.02 -3.93 18.43
CA THR B 179 -2.84 -2.70 18.33
C THR B 179 -2.33 -1.81 17.21
N LYS B 180 -1.09 -2.06 16.80
CA LYS B 180 -0.44 -1.27 15.68
C LYS B 180 -0.77 -1.86 14.29
N MET B 181 -1.66 -2.80 14.27
CA MET B 181 -2.10 -3.46 13.03
C MET B 181 -3.63 -3.33 12.99
N LEU B 182 -4.17 -3.60 11.82
CA LEU B 182 -5.63 -3.56 11.51
C LEU B 182 -5.86 -4.79 10.65
N CYS B 183 -7.04 -5.32 10.75
CA CYS B 183 -7.43 -6.52 9.97
C CYS B 183 -8.63 -6.13 9.14
N ALA B 184 -8.70 -6.70 7.99
CA ALA B 184 -9.85 -6.40 7.09
C ALA B 184 -10.09 -7.65 6.29
N ALA B 185 -11.34 -7.96 6.06
CA ALA B 185 -11.65 -9.16 5.26
C ALA B 185 -13.00 -8.98 4.59
N ASP B 186 -13.27 -9.89 3.71
CA ASP B 186 -14.52 -9.86 2.95
C ASP B 186 -15.40 -10.76 3.82
N PRO B 187 -16.58 -10.32 4.15
CA PRO B 187 -17.55 -11.15 4.90
C PRO B 187 -17.63 -12.58 4.42
N GLN B 188 -17.53 -12.72 3.12
CA GLN B 188 -17.61 -14.10 2.57
C GLN B 188 -16.28 -14.73 2.20
N TRP B 189 -15.20 -14.12 2.62
CA TRP B 189 -13.80 -14.62 2.32
C TRP B 189 -13.63 -14.94 0.81
N LYS B 190 -14.16 -14.06 0.01
CA LYS B 190 -14.12 -14.20 -1.49
C LYS B 190 -13.04 -13.29 -2.12
N THR B 191 -12.88 -12.09 -1.64
CA THR B 191 -11.83 -11.20 -2.22
C THR B 191 -10.86 -10.81 -1.10
N ASP B 192 -9.65 -10.47 -1.48
CA ASP B 192 -8.58 -10.09 -0.48
C ASP B 192 -7.33 -9.60 -1.24
N ALA B 193 -6.37 -9.16 -0.46
CA ALA B 193 -5.08 -8.68 -1.01
C ALA B 193 -4.27 -10.02 -1.06
N CYS B 194 -3.17 -10.02 -1.74
CA CYS B 194 -2.34 -11.25 -1.85
C CYS B 194 -0.92 -10.75 -2.16
N GLN B 195 -0.01 -11.69 -2.28
CA GLN B 195 1.41 -11.38 -2.57
C GLN B 195 1.44 -10.49 -3.78
N GLY B 196 2.23 -9.48 -3.67
CA GLY B 196 2.40 -8.49 -4.75
C GLY B 196 1.62 -7.24 -4.35
N ASP B 197 0.65 -7.40 -3.48
CA ASP B 197 -0.13 -6.19 -3.05
C ASP B 197 0.54 -5.45 -1.85
N SER B 198 1.52 -6.08 -1.24
CA SER B 198 2.25 -5.47 -0.10
C SER B 198 2.64 -3.99 -0.36
N GLY B 199 2.59 -3.18 0.66
CA GLY B 199 2.96 -1.74 0.54
C GLY B 199 1.82 -0.83 0.07
N GLY B 200 0.88 -1.41 -0.61
CA GLY B 200 -0.25 -0.60 -1.11
C GLY B 200 -1.23 -0.11 -0.04
N PRO B 201 -2.13 0.72 -0.47
CA PRO B 201 -3.13 1.36 0.42
C PRO B 201 -4.43 0.65 0.72
N LEU B 202 -4.89 0.93 1.93
CA LEU B 202 -6.18 0.42 2.48
C LEU B 202 -6.76 1.85 2.65
N VAL B 203 -7.73 2.20 1.84
CA VAL B 203 -8.36 3.55 1.90
C VAL B 203 -9.82 3.46 2.39
N CYS B 204 -10.13 4.31 3.32
CA CYS B 204 -11.49 4.34 3.90
C CYS B 204 -11.91 5.81 4.00
N SER B 205 -13.18 6.14 3.98
CA SER B 205 -13.50 7.59 4.09
C SER B 205 -13.53 7.72 5.61
N LEU B 206 -12.94 8.76 6.10
CA LEU B 206 -12.89 9.01 7.56
C LEU B 206 -13.13 10.50 7.61
N GLN B 207 -14.04 10.92 8.45
CA GLN B 207 -14.38 12.36 8.62
C GLN B 207 -14.54 13.09 7.28
N GLY B 208 -15.18 12.40 6.38
CA GLY B 208 -15.44 12.96 5.03
C GLY B 208 -14.30 12.83 4.05
N ARG B 209 -13.12 12.44 4.47
CA ARG B 209 -11.98 12.32 3.49
C ARG B 209 -11.58 10.89 3.21
N MET B 210 -11.09 10.65 2.02
CA MET B 210 -10.62 9.29 1.61
C MET B 210 -9.28 9.39 2.32
N THR B 211 -9.13 8.50 3.26
CA THR B 211 -7.92 8.40 4.11
C THR B 211 -7.16 7.05 4.00
N LEU B 212 -5.87 7.21 4.14
CA LEU B 212 -4.95 6.06 4.06
C LEU B 212 -5.05 5.51 5.52
N THR B 213 -5.87 4.54 5.71
CA THR B 213 -6.05 3.93 7.07
C THR B 213 -5.02 2.80 7.28
N GLY B 214 -4.66 2.10 6.22
CA GLY B 214 -3.67 1.00 6.38
C GLY B 214 -2.77 0.79 5.16
N ILE B 215 -1.74 0.03 5.39
CA ILE B 215 -0.72 -0.34 4.37
C ILE B 215 -0.78 -1.86 4.36
N VAL B 216 -0.97 -2.42 3.20
CA VAL B 216 -1.03 -3.91 3.05
C VAL B 216 0.31 -4.47 3.61
N SER B 217 0.21 -5.30 4.60
CA SER B 217 1.43 -5.89 5.23
C SER B 217 1.55 -7.44 5.13
N TRP B 218 0.63 -8.17 5.71
CA TRP B 218 0.72 -9.65 5.63
C TRP B 218 -0.60 -10.33 5.78
N GLY B 219 -0.57 -11.61 5.66
CA GLY B 219 -1.81 -12.44 5.80
C GLY B 219 -1.41 -13.89 5.53
N ARG B 220 -2.14 -14.84 6.05
CA ARG B 220 -1.77 -16.25 5.79
C ARG B 220 -2.63 -16.60 4.58
N GLY B 221 -1.97 -16.97 3.52
CA GLY B 221 -2.72 -17.33 2.28
C GLY B 221 -3.38 -16.07 1.79
N CYS B 222 -4.33 -16.21 0.93
CA CYS B 222 -5.08 -15.09 0.35
C CYS B 222 -6.52 -15.57 0.20
N ALA B 223 -7.40 -14.78 0.75
CA ALA B 223 -8.88 -15.05 0.74
C ALA B 223 -9.12 -16.42 1.40
N LEU B 224 -8.57 -16.59 2.58
CA LEU B 224 -8.76 -17.88 3.31
C LEU B 224 -9.70 -17.54 4.47
N LYS B 225 -10.61 -18.44 4.71
CA LYS B 225 -11.59 -18.24 5.80
C LYS B 225 -10.82 -18.10 7.11
N ASP B 226 -11.25 -17.16 7.89
CA ASP B 226 -10.65 -16.84 9.21
C ASP B 226 -9.21 -16.39 9.16
N LYS B 227 -8.75 -15.98 8.00
CA LYS B 227 -7.33 -15.49 7.87
C LYS B 227 -7.47 -14.13 7.15
N PRO B 228 -7.84 -13.08 7.87
CA PRO B 228 -7.96 -11.71 7.31
C PRO B 228 -6.62 -11.12 6.84
N GLY B 229 -6.67 -10.03 6.14
CA GLY B 229 -5.40 -9.43 5.69
C GLY B 229 -5.09 -8.53 6.87
N VAL B 230 -3.83 -8.36 7.12
CA VAL B 230 -3.36 -7.49 8.25
C VAL B 230 -2.64 -6.32 7.57
N TYR B 231 -2.88 -5.18 8.12
CA TYR B 231 -2.32 -3.90 7.63
C TYR B 231 -1.65 -3.10 8.74
N THR B 232 -0.68 -2.28 8.39
CA THR B 232 0.01 -1.45 9.41
C THR B 232 -1.08 -0.35 9.69
N ARG B 233 -1.28 -0.05 10.94
CA ARG B 233 -2.29 0.96 11.39
C ARG B 233 -1.65 2.34 11.35
N VAL B 234 -1.79 2.95 10.22
CA VAL B 234 -1.21 4.31 9.99
C VAL B 234 -1.48 5.36 11.09
N SER B 235 -2.66 5.39 11.63
CA SER B 235 -3.02 6.37 12.69
C SER B 235 -2.07 6.30 13.87
N HIS B 236 -1.53 5.12 14.07
CA HIS B 236 -0.61 4.95 15.21
C HIS B 236 0.83 5.31 14.85
N PHE B 237 1.08 5.67 13.61
CA PHE B 237 2.47 6.02 13.20
C PHE B 237 2.62 7.50 12.83
N LEU B 238 1.58 8.26 13.03
CA LEU B 238 1.71 9.70 12.68
C LEU B 238 2.91 10.43 13.22
N PRO B 239 3.29 10.28 14.47
CA PRO B 239 4.50 10.95 14.97
C PRO B 239 5.71 10.51 14.13
N TRP B 240 5.81 9.24 13.85
CA TRP B 240 6.95 8.74 13.05
C TRP B 240 6.91 9.39 11.64
N ILE B 241 5.78 9.38 11.02
CA ILE B 241 5.70 9.98 9.67
C ILE B 241 6.12 11.45 9.77
N ARG B 242 5.52 12.16 10.67
CA ARG B 242 5.87 13.60 10.84
C ARG B 242 7.39 13.69 11.03
N SER B 243 7.91 12.93 11.94
CA SER B 243 9.38 12.96 12.19
C SER B 243 10.20 12.95 10.90
N HIS B 244 9.75 12.25 9.88
CA HIS B 244 10.59 12.23 8.64
C HIS B 244 10.00 13.04 7.51
N THR B 245 8.81 13.52 7.67
CA THR B 245 8.14 14.34 6.63
C THR B 245 7.81 15.67 7.30
N LYS B 246 8.80 16.51 7.41
CA LYS B 246 8.62 17.84 8.03
C LYS B 246 9.34 18.79 7.05
#